data_5HZL
#
_entry.id   5HZL
#
_cell.length_a   120.350
_cell.length_b   120.350
_cell.length_c   62.286
_cell.angle_alpha   90.00
_cell.angle_beta   90.00
_cell.angle_gamma   120.00
#
_symmetry.space_group_name_H-M   'P 31 2 1'
#
loop_
_entity.id
_entity.type
_entity.pdbx_description
1 polymer 'Lmo2445 protein'
2 non-polymer 'CALCIUM ION'
3 non-polymer 1-METHOXY-2-[2-(2-METHOXY-ETHOXY]-ETHANE
4 water water
#
_entity_poly.entity_id   1
_entity_poly.type   'polypeptide(L)'
_entity_poly.pdbx_seq_one_letter_code
;(MSE)LFAPTIKAQADTVPLPAPIIEAFPVEAIAEAIAGELDKDSVNDTITQADLDT(MSE)TAIPLPSLGLTGEDLSVL
NNEVFTNAIELAIWSNNIGELPDLSEALPALENIEANGANITVFPDANYPNLTNVDLSQNNFGFNIPKFVG(MSE)EGLV
SIN(MSE)ENAGLSGYIAEDIW(MSE)N(MSE)PNLDSLILNENHLISIPEDIFLSQQLGTHSFANQTATYPPTTIKQGE
NLKVFVPFIYQALDFIAPSNHDLIIIKDNGRTLYEPPYPTYDGSY(MSE)YTIETAGLQPGEHLLEISLGYNSGEYTGWY
DFPVTITESNA
;
_entity_poly.pdbx_strand_id   B
#
loop_
_chem_comp.id
_chem_comp.type
_chem_comp.name
_chem_comp.formula
CA non-polymer 'CALCIUM ION' 'Ca 2'
PG5 non-polymer 1-METHOXY-2-[2-(2-METHOXY-ETHOXY]-ETHANE 'C8 H18 O4'
#
# COMPACT_ATOMS: atom_id res chain seq x y z
N ASP A 12 10.03 -24.45 12.82
CA ASP A 12 8.77 -24.54 13.64
C ASP A 12 8.89 -23.60 14.88
N THR A 13 8.74 -24.12 16.12
CA THR A 13 8.83 -23.25 17.33
C THR A 13 10.07 -23.56 18.18
N VAL A 14 10.22 -22.81 19.28
CA VAL A 14 11.30 -22.96 20.25
C VAL A 14 10.62 -23.51 21.49
N PRO A 15 11.04 -24.70 21.98
CA PRO A 15 10.34 -25.27 23.13
C PRO A 15 10.41 -24.45 24.42
N LEU A 16 9.26 -24.33 25.09
CA LEU A 16 9.11 -23.61 26.36
C LEU A 16 8.88 -24.59 27.55
N PRO A 17 9.25 -24.23 28.77
CA PRO A 17 9.83 -22.92 29.12
C PRO A 17 11.23 -22.68 28.61
N ALA A 18 11.54 -21.40 28.41
CA ALA A 18 12.86 -20.99 27.93
C ALA A 18 13.07 -19.51 28.17
N PRO A 19 14.34 -19.06 28.17
CA PRO A 19 14.58 -17.61 28.35
C PRO A 19 14.04 -16.82 27.15
N ILE A 20 13.65 -15.58 27.39
CA ILE A 20 13.11 -14.73 26.33
C ILE A 20 14.11 -14.58 25.18
N ILE A 21 15.40 -14.37 25.50
CA ILE A 21 16.45 -14.20 24.48
C ILE A 21 16.66 -15.46 23.62
N GLU A 22 16.31 -16.63 24.15
CA GLU A 22 16.43 -17.86 23.36
C GLU A 22 15.22 -17.99 22.45
N ALA A 23 14.06 -17.58 22.96
CA ALA A 23 12.82 -17.65 22.17
C ALA A 23 12.83 -16.62 21.03
N PHE A 24 13.26 -15.41 21.34
CA PHE A 24 13.28 -14.32 20.37
C PHE A 24 14.65 -13.65 20.40
N PRO A 25 15.62 -14.16 19.61
CA PRO A 25 16.97 -13.63 19.62
C PRO A 25 17.28 -12.34 18.82
N VAL A 26 16.52 -11.29 19.10
CA VAL A 26 16.69 -9.98 18.51
C VAL A 26 16.52 -9.08 19.72
N GLU A 27 17.61 -8.38 20.10
CA GLU A 27 17.63 -7.49 21.27
C GLU A 27 16.32 -6.70 21.51
N ALA A 28 16.00 -5.84 20.55
CA ALA A 28 14.81 -4.98 20.60
C ALA A 28 13.50 -5.71 20.88
N ILE A 29 13.30 -6.84 20.21
CA ILE A 29 12.07 -7.62 20.36
C ILE A 29 12.03 -8.27 21.73
N ALA A 30 13.13 -8.86 22.17
CA ALA A 30 13.18 -9.50 23.50
C ALA A 30 12.96 -8.49 24.63
N GLU A 31 13.47 -7.27 24.46
CA GLU A 31 13.30 -6.23 25.49
C GLU A 31 11.85 -5.77 25.51
N ALA A 32 11.23 -5.74 24.33
CA ALA A 32 9.82 -5.36 24.23
C ALA A 32 8.95 -6.42 24.91
N ILE A 33 9.21 -7.72 24.65
CA ILE A 33 8.44 -8.79 25.28
C ILE A 33 8.66 -8.75 26.79
N ALA A 34 9.91 -8.54 27.18
CA ALA A 34 10.25 -8.47 28.61
C ALA A 34 9.46 -7.36 29.28
N GLY A 35 9.28 -6.24 28.57
CA GLY A 35 8.54 -5.10 29.10
C GLY A 35 7.06 -5.36 29.26
N GLU A 36 6.45 -6.03 28.28
CA GLU A 36 5.02 -6.36 28.36
C GLU A 36 4.68 -7.29 29.50
N LEU A 37 5.54 -8.29 29.70
CA LEU A 37 5.38 -9.30 30.76
C LEU A 37 5.94 -8.83 32.09
N ASP A 38 6.51 -7.63 32.06
CA ASP A 38 7.10 -6.99 33.20
C ASP A 38 8.23 -7.82 33.89
N LYS A 39 9.12 -8.35 33.04
CA LYS A 39 10.29 -9.12 33.46
C LYS A 39 11.44 -8.14 33.38
N ASP A 40 12.34 -8.15 34.35
CA ASP A 40 13.44 -7.20 34.30
C ASP A 40 14.64 -7.61 33.45
N SER A 41 14.61 -8.76 32.76
CA SER A 41 15.76 -9.19 31.94
C SER A 41 15.39 -10.16 30.83
N VAL A 42 16.02 -10.02 29.66
CA VAL A 42 15.75 -10.92 28.53
C VAL A 42 16.19 -12.36 28.82
N ASN A 43 16.91 -12.56 29.92
CA ASN A 43 17.35 -13.89 30.35
C ASN A 43 16.30 -14.61 31.22
N ASP A 44 15.25 -13.90 31.62
CA ASP A 44 14.21 -14.48 32.44
C ASP A 44 13.43 -15.49 31.61
N THR A 45 12.99 -16.53 32.27
CA THR A 45 12.24 -17.60 31.63
C THR A 45 10.77 -17.26 31.52
N ILE A 46 10.19 -17.61 30.38
CA ILE A 46 8.77 -17.41 30.10
C ILE A 46 8.14 -18.76 29.76
N THR A 47 6.85 -18.85 30.05
CA THR A 47 6.06 -20.04 29.82
C THR A 47 5.05 -19.74 28.75
N GLN A 48 4.40 -20.79 28.24
CA GLN A 48 3.35 -20.60 27.25
C GLN A 48 2.21 -19.80 27.91
N ALA A 49 2.03 -19.99 29.22
CA ALA A 49 1.02 -19.24 29.99
C ALA A 49 1.32 -17.74 30.03
N ASP A 50 2.61 -17.38 30.03
CA ASP A 50 3.01 -15.95 30.00
C ASP A 50 2.68 -15.36 28.63
N LEU A 51 3.02 -16.08 27.55
CA LEU A 51 2.70 -15.58 26.20
C LEU A 51 1.18 -15.44 25.99
N ASP A 52 0.40 -16.28 26.67
CA ASP A 52 -1.07 -16.22 26.56
C ASP A 52 -1.73 -14.98 27.21
N THR A 53 -0.98 -14.27 28.06
CA THR A 53 -1.48 -13.05 28.72
C THR A 53 -1.31 -11.81 27.82
N MSE A 54 -0.60 -11.95 26.72
CA MSE A 54 -0.41 -10.82 25.79
C MSE A 54 -1.55 -10.71 24.82
O MSE A 54 -1.77 -11.60 23.99
CB MSE A 54 0.92 -11.00 25.07
CG MSE A 54 2.06 -10.81 26.07
SE MSE A 54 3.80 -11.15 25.20
CE MSE A 54 3.93 -9.56 24.03
N THR A 55 -2.28 -9.62 24.94
CA THR A 55 -3.41 -9.28 24.06
C THR A 55 -2.96 -8.39 22.90
N ALA A 56 -1.73 -7.90 22.98
CA ALA A 56 -1.17 -7.03 21.96
C ALA A 56 0.36 -7.21 21.86
N ILE A 57 0.90 -6.90 20.69
CA ILE A 57 2.33 -6.99 20.43
C ILE A 57 2.82 -5.56 20.16
N PRO A 58 3.32 -4.87 21.21
CA PRO A 58 3.79 -3.50 21.03
C PRO A 58 5.24 -3.40 20.62
N LEU A 59 5.45 -3.28 19.31
CA LEU A 59 6.78 -3.15 18.73
C LEU A 59 6.95 -1.90 17.87
N PRO A 60 6.31 -0.76 18.25
CA PRO A 60 6.52 0.39 17.37
C PRO A 60 7.84 1.09 17.58
N SER A 61 8.30 1.73 16.51
CA SER A 61 9.49 2.55 16.49
C SER A 61 10.69 1.94 17.16
N LEU A 62 11.13 0.78 16.66
CA LEU A 62 12.32 0.06 17.18
C LEU A 62 13.35 -0.29 16.10
N GLY A 63 13.25 0.32 14.93
CA GLY A 63 14.20 0.03 13.87
C GLY A 63 14.20 -1.38 13.31
N LEU A 64 13.11 -2.12 13.56
CA LEU A 64 12.99 -3.50 13.12
C LEU A 64 12.79 -3.69 11.60
N THR A 65 13.42 -4.73 11.07
CA THR A 65 13.32 -5.12 9.68
C THR A 65 12.38 -6.32 9.64
N GLY A 66 12.04 -6.80 8.44
CA GLY A 66 11.19 -7.99 8.26
C GLY A 66 11.85 -9.21 8.92
N GLU A 67 13.15 -9.39 8.67
CA GLU A 67 13.97 -10.46 9.29
C GLU A 67 13.83 -10.48 10.79
N ASP A 68 13.98 -9.31 11.41
CA ASP A 68 13.86 -9.20 12.87
C ASP A 68 12.51 -9.74 13.31
N LEU A 69 11.45 -9.23 12.68
CA LEU A 69 10.08 -9.66 13.02
C LEU A 69 9.77 -11.14 12.80
N SER A 70 10.45 -11.78 11.86
CA SER A 70 10.19 -13.19 11.57
C SER A 70 10.42 -14.09 12.80
N VAL A 71 11.25 -13.58 13.71
CA VAL A 71 11.54 -14.26 14.97
C VAL A 71 10.27 -14.54 15.81
N LEU A 72 9.24 -13.71 15.66
CA LEU A 72 7.95 -13.89 16.37
C LEU A 72 7.33 -15.27 16.09
N ASN A 73 7.59 -15.81 14.90
CA ASN A 73 7.12 -17.16 14.53
C ASN A 73 7.74 -18.30 15.34
N ASN A 74 8.72 -17.98 16.21
CA ASN A 74 9.31 -18.99 17.09
C ASN A 74 8.34 -19.40 18.17
N GLU A 75 7.24 -18.70 18.32
CA GLU A 75 6.23 -19.04 19.32
C GLU A 75 4.84 -18.71 18.80
N VAL A 76 3.84 -18.97 19.64
CA VAL A 76 2.46 -18.70 19.33
C VAL A 76 1.87 -17.84 20.45
N PHE A 77 1.43 -16.62 20.11
CA PHE A 77 0.81 -15.71 21.07
C PHE A 77 -0.67 -15.96 20.82
N THR A 78 -1.19 -17.06 21.39
CA THR A 78 -2.59 -17.48 21.19
C THR A 78 -3.68 -16.43 21.33
N ASN A 79 -3.47 -15.38 22.14
CA ASN A 79 -4.51 -14.33 22.36
C ASN A 79 -4.19 -12.90 21.93
N ALA A 80 -3.08 -12.71 21.23
CA ALA A 80 -2.71 -11.40 20.78
C ALA A 80 -3.64 -11.01 19.65
N ILE A 81 -4.46 -9.99 19.86
CA ILE A 81 -5.39 -9.52 18.83
C ILE A 81 -4.90 -8.29 18.08
N GLU A 82 -3.79 -7.69 18.52
CA GLU A 82 -3.25 -6.50 17.89
C GLU A 82 -1.74 -6.56 17.68
N LEU A 83 -1.29 -6.15 16.50
CA LEU A 83 0.12 -6.08 16.16
C LEU A 83 0.44 -4.60 15.89
N ALA A 84 1.29 -4.00 16.71
CA ALA A 84 1.70 -2.60 16.59
C ALA A 84 3.16 -2.54 16.10
N ILE A 85 3.36 -2.24 14.81
CA ILE A 85 4.70 -2.18 14.22
C ILE A 85 4.99 -0.89 13.46
N TRP A 86 4.29 0.19 13.80
CA TRP A 86 4.50 1.47 13.13
C TRP A 86 5.84 2.13 13.44
N SER A 87 6.35 2.91 12.50
CA SER A 87 7.63 3.63 12.57
C SER A 87 8.89 2.72 12.59
N ASN A 88 8.78 1.52 12.00
CA ASN A 88 9.89 0.56 11.88
C ASN A 88 10.49 0.70 10.49
N ASN A 89 11.41 -0.18 10.12
CA ASN A 89 12.09 -0.13 8.82
C ASN A 89 12.08 -1.56 8.25
N ILE A 90 10.88 -1.99 7.96
CA ILE A 90 10.55 -3.35 7.56
C ILE A 90 10.97 -3.93 6.22
N GLY A 91 10.57 -3.32 5.11
CA GLY A 91 10.87 -3.90 3.80
C GLY A 91 9.83 -4.98 3.59
N GLU A 92 10.26 -6.22 3.32
CA GLU A 92 9.31 -7.34 3.13
C GLU A 92 8.84 -7.86 4.46
N LEU A 93 7.55 -7.67 4.76
CA LEU A 93 6.96 -8.13 6.03
C LEU A 93 6.76 -9.65 5.99
N PRO A 94 7.23 -10.38 7.01
CA PRO A 94 6.99 -11.82 6.94
C PRO A 94 5.53 -12.21 7.23
N ASP A 95 5.24 -13.48 6.97
CA ASP A 95 3.93 -14.08 7.21
C ASP A 95 3.96 -14.49 8.69
N LEU A 96 3.24 -13.74 9.53
CA LEU A 96 3.18 -13.99 10.97
C LEU A 96 1.91 -14.73 11.45
N SER A 97 1.17 -15.35 10.54
CA SER A 97 -0.06 -16.09 10.90
C SER A 97 0.16 -17.27 11.86
N GLU A 98 1.39 -17.80 11.84
CA GLU A 98 1.79 -18.93 12.68
C GLU A 98 1.82 -18.43 14.15
N ALA A 99 2.40 -17.25 14.33
CA ALA A 99 2.56 -16.62 15.64
C ALA A 99 1.35 -15.82 16.13
N LEU A 100 0.53 -15.36 15.21
CA LEU A 100 -0.62 -14.53 15.58
C LEU A 100 -1.94 -15.07 15.04
N PRO A 101 -2.34 -16.27 15.49
CA PRO A 101 -3.60 -16.85 15.01
C PRO A 101 -4.86 -16.05 15.35
N ALA A 102 -4.85 -15.28 16.44
CA ALA A 102 -6.01 -14.49 16.87
C ALA A 102 -5.99 -13.03 16.42
N LEU A 103 -5.03 -12.68 15.54
CA LEU A 103 -4.87 -11.30 15.08
C LEU A 103 -6.14 -10.70 14.48
N GLU A 104 -6.51 -9.51 14.96
CA GLU A 104 -7.69 -8.77 14.50
C GLU A 104 -7.37 -7.40 13.96
N ASN A 105 -6.24 -6.84 14.39
CA ASN A 105 -5.85 -5.50 14.02
C ASN A 105 -4.37 -5.30 13.81
N ILE A 106 -4.00 -4.70 12.68
CA ILE A 106 -2.59 -4.39 12.36
C ILE A 106 -2.44 -2.88 12.21
N GLU A 107 -1.60 -2.26 13.06
CA GLU A 107 -1.32 -0.84 13.02
C GLU A 107 0.14 -0.71 12.61
N ALA A 108 0.35 -0.47 11.32
CA ALA A 108 1.69 -0.39 10.71
C ALA A 108 1.97 0.85 9.87
N ASN A 109 1.54 1.99 10.36
CA ASN A 109 1.78 3.27 9.68
C ASN A 109 3.28 3.61 9.63
N GLY A 110 3.74 4.15 8.50
CA GLY A 110 5.14 4.58 8.34
C GLY A 110 6.20 3.63 8.82
N ALA A 111 6.04 2.35 8.47
CA ALA A 111 6.94 1.30 8.87
C ALA A 111 7.83 0.84 7.72
N ASN A 112 7.85 1.63 6.65
CA ASN A 112 8.65 1.34 5.44
C ASN A 112 8.47 -0.08 4.85
N ILE A 113 7.23 -0.58 4.92
CA ILE A 113 6.87 -1.89 4.37
C ILE A 113 6.78 -1.78 2.84
N THR A 114 7.44 -2.69 2.14
CA THR A 114 7.45 -2.73 0.69
C THR A 114 6.60 -3.86 0.16
N VAL A 115 6.31 -4.87 0.99
CA VAL A 115 5.48 -6.02 0.60
C VAL A 115 4.69 -6.50 1.79
N PHE A 116 3.37 -6.60 1.61
CA PHE A 116 2.47 -7.10 2.64
C PHE A 116 1.94 -8.40 2.02
N PRO A 117 2.52 -9.56 2.42
CA PRO A 117 2.13 -10.83 1.79
C PRO A 117 0.75 -11.37 2.14
N ASP A 118 0.29 -12.28 1.28
CA ASP A 118 -0.96 -12.97 1.45
C ASP A 118 -0.66 -13.89 2.64
N ALA A 119 -1.54 -13.82 3.64
CA ALA A 119 -1.35 -14.57 4.86
C ALA A 119 -2.70 -14.93 5.46
N ASN A 120 -2.71 -16.07 6.12
CA ASN A 120 -3.92 -16.60 6.72
C ASN A 120 -4.28 -16.00 8.08
N TYR A 121 -5.06 -14.93 8.08
CA TYR A 121 -5.53 -14.27 9.31
C TYR A 121 -7.07 -14.24 9.26
N PRO A 122 -7.71 -15.31 9.72
CA PRO A 122 -9.18 -15.39 9.70
C PRO A 122 -9.91 -14.25 10.41
N ASN A 123 -9.40 -13.86 11.57
CA ASN A 123 -10.00 -12.82 12.40
C ASN A 123 -9.58 -11.40 12.11
N LEU A 124 -8.73 -11.19 11.11
CA LEU A 124 -8.26 -9.85 10.78
C LEU A 124 -9.46 -8.99 10.33
N THR A 125 -9.64 -7.89 11.02
CA THR A 125 -10.73 -6.94 10.80
C THR A 125 -10.28 -5.57 10.32
N ASN A 126 -9.11 -5.14 10.76
CA ASN A 126 -8.60 -3.83 10.41
C ASN A 126 -7.12 -3.84 10.11
N VAL A 127 -6.69 -3.04 9.15
CA VAL A 127 -5.28 -2.98 8.78
C VAL A 127 -4.93 -1.53 8.39
N ASP A 128 -3.95 -0.92 9.05
CA ASP A 128 -3.48 0.47 8.77
C ASP A 128 -2.06 0.38 8.18
N LEU A 129 -2.00 0.41 6.85
CA LEU A 129 -0.74 0.33 6.10
C LEU A 129 -0.42 1.64 5.40
N SER A 130 -0.96 2.73 5.94
CA SER A 130 -0.72 4.04 5.38
C SER A 130 0.73 4.49 5.58
N GLN A 131 1.25 5.23 4.60
CA GLN A 131 2.59 5.78 4.63
C GLN A 131 3.74 4.80 4.59
N ASN A 132 3.47 3.68 3.92
CA ASN A 132 4.48 2.65 3.69
C ASN A 132 5.03 2.92 2.29
N ASN A 133 5.61 1.91 1.63
CA ASN A 133 6.21 2.15 0.33
C ASN A 133 6.20 0.91 -0.54
N PHE A 134 4.99 0.55 -0.96
CA PHE A 134 4.76 -0.64 -1.77
C PHE A 134 5.28 -0.63 -3.20
N GLY A 135 5.36 0.55 -3.82
CA GLY A 135 5.81 0.66 -5.20
C GLY A 135 4.80 -0.13 -5.99
N PHE A 136 5.26 -1.04 -6.84
CA PHE A 136 4.35 -1.86 -7.65
C PHE A 136 3.77 -3.11 -6.96
N ASN A 137 4.16 -3.35 -5.70
CA ASN A 137 3.66 -4.50 -4.95
C ASN A 137 2.30 -4.27 -4.29
N ILE A 138 1.26 -4.23 -5.12
CA ILE A 138 -0.10 -4.03 -4.64
C ILE A 138 -0.57 -5.31 -3.95
N PRO A 139 -0.97 -5.24 -2.66
CA PRO A 139 -1.43 -6.45 -1.99
C PRO A 139 -2.90 -6.79 -2.31
N LYS A 140 -3.19 -8.09 -2.40
CA LYS A 140 -4.54 -8.62 -2.68
C LYS A 140 -5.29 -9.09 -1.42
N PHE A 141 -4.56 -9.22 -0.31
CA PHE A 141 -5.13 -9.66 0.98
C PHE A 141 -5.75 -11.07 0.94
N VAL A 142 -5.09 -12.01 0.27
CA VAL A 142 -5.59 -13.39 0.23
C VAL A 142 -5.28 -13.97 1.61
N GLY A 143 -6.29 -14.58 2.22
CA GLY A 143 -6.22 -15.13 3.57
C GLY A 143 -6.86 -14.20 4.60
N MSE A 144 -7.19 -12.97 4.20
CA MSE A 144 -7.79 -11.94 5.07
C MSE A 144 -9.17 -11.56 4.58
O MSE A 144 -9.55 -10.39 4.58
CB MSE A 144 -6.81 -10.76 5.04
CG MSE A 144 -5.52 -11.14 5.77
SE MSE A 144 -4.07 -9.85 5.44
CE MSE A 144 -3.09 -10.79 4.03
N GLU A 145 -9.96 -12.56 4.18
CA GLU A 145 -11.31 -12.35 3.66
C GLU A 145 -12.29 -11.65 4.61
N GLY A 146 -11.97 -11.59 5.90
CA GLY A 146 -12.82 -10.95 6.90
C GLY A 146 -12.61 -9.47 7.11
N LEU A 147 -11.64 -8.87 6.42
CA LEU A 147 -11.36 -7.43 6.55
C LEU A 147 -12.57 -6.49 6.40
N VAL A 148 -12.65 -5.53 7.32
CA VAL A 148 -13.71 -4.53 7.33
C VAL A 148 -13.18 -3.18 6.86
N SER A 149 -11.97 -2.85 7.26
CA SER A 149 -11.38 -1.56 6.85
C SER A 149 -9.88 -1.66 6.58
N ILE A 150 -9.51 -1.08 5.43
CA ILE A 150 -8.15 -1.02 4.91
C ILE A 150 -7.74 0.42 4.68
N ASN A 151 -6.59 0.80 5.23
CA ASN A 151 -6.08 2.13 5.04
C ASN A 151 -4.71 2.01 4.39
N MSE A 152 -4.58 2.56 3.17
CA MSE A 152 -3.31 2.57 2.42
C MSE A 152 -3.10 3.96 1.86
O MSE A 152 -2.63 4.16 0.74
CB MSE A 152 -3.28 1.45 1.37
CG MSE A 152 -2.80 0.16 2.01
SE MSE A 152 -2.60 -1.28 0.67
CE MSE A 152 -4.42 -1.28 -0.09
N GLU A 153 -3.42 4.95 2.68
CA GLU A 153 -3.24 6.34 2.29
C GLU A 153 -1.77 6.67 2.19
N ASN A 154 -1.38 7.31 1.11
CA ASN A 154 -0.01 7.76 0.91
C ASN A 154 1.03 6.66 1.16
N ALA A 155 0.77 5.46 0.62
CA ALA A 155 1.63 4.30 0.80
C ALA A 155 2.48 3.89 -0.42
N GLY A 156 2.66 4.81 -1.37
CA GLY A 156 3.44 4.51 -2.58
C GLY A 156 2.86 3.51 -3.58
N LEU A 157 1.56 3.17 -3.48
CA LEU A 157 0.95 2.20 -4.41
C LEU A 157 1.09 2.76 -5.81
N SER A 158 1.66 1.96 -6.70
CA SER A 158 1.95 2.42 -8.03
C SER A 158 1.53 1.50 -9.16
N GLY A 159 1.40 2.11 -10.33
CA GLY A 159 1.06 1.42 -11.55
C GLY A 159 -0.40 1.15 -11.76
N TYR A 160 -0.67 0.13 -12.55
CA TYR A 160 -2.00 -0.28 -12.89
C TYR A 160 -2.56 -1.34 -11.95
N ILE A 161 -3.85 -1.23 -11.63
CA ILE A 161 -4.54 -2.23 -10.81
C ILE A 161 -5.84 -2.61 -11.51
N ALA A 162 -6.16 -3.90 -11.45
CA ALA A 162 -7.33 -4.44 -12.09
C ALA A 162 -8.65 -3.90 -11.57
N GLU A 163 -9.65 -3.86 -12.45
CA GLU A 163 -10.99 -3.41 -12.09
C GLU A 163 -11.58 -4.31 -11.02
N ASP A 164 -11.27 -5.61 -11.09
CA ASP A 164 -11.82 -6.61 -10.16
C ASP A 164 -11.06 -6.96 -8.84
N ILE A 165 -9.99 -6.25 -8.49
CA ILE A 165 -9.33 -6.60 -7.22
C ILE A 165 -10.17 -6.13 -6.03
N TRP A 166 -9.92 -6.79 -4.91
CA TRP A 166 -10.58 -6.53 -3.64
C TRP A 166 -12.10 -6.82 -3.64
N MSE A 167 -12.49 -7.84 -4.42
CA MSE A 167 -13.89 -8.26 -4.52
C MSE A 167 -14.07 -9.58 -3.82
O MSE A 167 -15.11 -10.24 -3.97
CB MSE A 167 -14.22 -8.40 -5.99
CG MSE A 167 -14.28 -7.02 -6.64
SE MSE A 167 -15.83 -6.03 -5.93
CE MSE A 167 -17.27 -6.96 -6.90
N ASN A 168 -13.09 -9.96 -3.02
CA ASN A 168 -13.07 -11.20 -2.26
C ASN A 168 -13.31 -10.95 -0.74
N MSE A 169 -13.73 -9.74 -0.35
CA MSE A 169 -13.94 -9.37 1.08
C MSE A 169 -15.35 -8.87 1.30
O MSE A 169 -15.58 -7.67 1.26
CB MSE A 169 -12.91 -8.29 1.39
CG MSE A 169 -11.52 -8.91 1.56
SE MSE A 169 -10.12 -7.53 1.74
CE MSE A 169 -9.92 -7.17 -0.18
N PRO A 170 -16.28 -9.79 1.58
CA PRO A 170 -17.70 -9.40 1.72
C PRO A 170 -18.09 -8.41 2.81
N ASN A 171 -17.22 -8.15 3.78
CA ASN A 171 -17.56 -7.19 4.86
C ASN A 171 -16.81 -5.88 4.80
N LEU A 172 -15.92 -5.74 3.81
CA LEU A 172 -15.13 -4.54 3.62
C LEU A 172 -16.09 -3.36 3.53
N ASP A 173 -15.88 -2.38 4.41
CA ASP A 173 -16.74 -1.21 4.48
C ASP A 173 -15.98 0.12 4.38
N SER A 174 -14.65 0.07 4.49
CA SER A 174 -13.84 1.29 4.39
C SER A 174 -12.53 0.99 3.65
N LEU A 175 -12.26 1.75 2.58
CA LEU A 175 -11.06 1.56 1.77
C LEU A 175 -10.46 2.93 1.46
N ILE A 176 -9.38 3.28 2.14
CA ILE A 176 -8.72 4.58 1.97
C ILE A 176 -7.49 4.40 1.09
N LEU A 177 -7.49 5.06 -0.08
CA LEU A 177 -6.39 4.97 -1.05
C LEU A 177 -5.90 6.30 -1.62
N ASN A 178 -6.23 7.43 -0.99
CA ASN A 178 -5.73 8.72 -1.51
C ASN A 178 -4.22 8.85 -1.42
N GLU A 179 -3.67 9.78 -2.20
CA GLU A 179 -2.24 10.13 -2.22
C GLU A 179 -1.26 9.04 -2.65
N ASN A 180 -1.72 8.16 -3.54
CA ASN A 180 -0.90 7.09 -4.08
C ASN A 180 -0.45 7.45 -5.50
N HIS A 181 0.09 6.50 -6.26
CA HIS A 181 0.59 6.76 -7.61
C HIS A 181 0.00 5.81 -8.63
N LEU A 182 -1.28 5.54 -8.48
CA LEU A 182 -2.01 4.65 -9.37
C LEU A 182 -2.46 5.34 -10.66
N ILE A 183 -2.44 4.62 -11.78
CA ILE A 183 -2.85 5.14 -13.08
C ILE A 183 -4.15 4.51 -13.53
N SER A 184 -4.80 3.84 -12.60
CA SER A 184 -6.00 3.11 -12.87
C SER A 184 -6.88 3.13 -11.63
N ILE A 185 -8.16 2.79 -11.81
CA ILE A 185 -9.10 2.77 -10.71
C ILE A 185 -9.64 1.36 -10.47
N PRO A 186 -9.74 0.94 -9.19
CA PRO A 186 -10.36 -0.35 -8.88
C PRO A 186 -11.88 -0.12 -8.96
N GLU A 187 -12.41 -0.14 -10.19
CA GLU A 187 -13.83 0.13 -10.43
C GLU A 187 -14.86 -0.71 -9.71
N ASP A 188 -14.74 -2.03 -9.82
CA ASP A 188 -15.73 -2.91 -9.21
C ASP A 188 -16.08 -2.59 -7.76
N ILE A 189 -15.06 -2.50 -6.91
CA ILE A 189 -15.28 -2.23 -5.49
C ILE A 189 -15.93 -0.87 -5.22
N PHE A 190 -15.55 0.19 -5.96
CA PHE A 190 -16.20 1.48 -5.75
C PHE A 190 -17.65 1.52 -6.26
N LEU A 191 -17.93 0.77 -7.32
CA LEU A 191 -19.27 0.73 -7.91
C LEU A 191 -20.22 -0.28 -7.25
N SER A 192 -19.68 -1.20 -6.45
CA SER A 192 -20.52 -2.21 -5.78
C SER A 192 -21.40 -1.64 -4.68
N GLN A 193 -21.02 -0.46 -4.17
CA GLN A 193 -21.74 0.23 -3.08
C GLN A 193 -21.61 -0.38 -1.65
N GLN A 194 -20.67 -1.32 -1.44
CA GLN A 194 -20.46 -1.90 -0.10
C GLN A 194 -19.85 -0.88 0.85
N LEU A 195 -18.92 -0.11 0.30
CA LEU A 195 -18.14 0.86 1.03
C LEU A 195 -18.88 2.11 1.51
N GLY A 196 -18.97 2.25 2.83
CA GLY A 196 -19.58 3.41 3.48
C GLY A 196 -18.56 4.56 3.57
N THR A 197 -17.27 4.23 3.42
CA THR A 197 -16.18 5.21 3.48
C THR A 197 -15.18 4.85 2.38
N HIS A 198 -14.77 5.83 1.59
CA HIS A 198 -13.82 5.59 0.51
C HIS A 198 -13.12 6.88 0.07
N SER A 199 -11.90 6.73 -0.41
CA SER A 199 -11.13 7.86 -0.86
C SER A 199 -10.16 7.42 -1.94
N PHE A 200 -10.07 8.19 -3.01
CA PHE A 200 -9.15 7.85 -4.08
C PHE A 200 -8.46 9.10 -4.62
N ALA A 201 -8.61 10.22 -3.91
CA ALA A 201 -8.05 11.50 -4.34
C ALA A 201 -6.53 11.54 -4.52
N ASN A 202 -6.07 12.51 -5.31
CA ASN A 202 -4.65 12.74 -5.55
C ASN A 202 -3.77 11.56 -5.96
N GLN A 203 -3.93 11.07 -7.17
CA GLN A 203 -3.07 9.99 -7.68
C GLN A 203 -2.09 10.71 -8.57
N THR A 204 -0.79 10.51 -8.35
CA THR A 204 0.24 11.20 -9.14
C THR A 204 1.31 10.25 -9.57
N ALA A 205 1.81 10.38 -10.79
CA ALA A 205 2.85 9.48 -11.26
C ALA A 205 3.71 10.05 -12.34
N THR A 206 4.99 9.75 -12.26
CA THR A 206 5.96 10.18 -13.26
C THR A 206 6.31 8.91 -14.04
N TYR A 207 5.93 8.88 -15.31
CA TYR A 207 6.19 7.71 -16.17
C TYR A 207 7.66 7.57 -16.55
N PRO A 208 8.06 6.37 -16.98
CA PRO A 208 9.46 6.25 -17.40
C PRO A 208 9.76 7.22 -18.55
N PRO A 209 11.01 7.69 -18.67
CA PRO A 209 11.30 8.63 -19.77
C PRO A 209 11.34 7.94 -21.12
N THR A 210 11.05 8.66 -22.19
CA THR A 210 11.08 8.10 -23.54
C THR A 210 11.59 9.14 -24.55
N THR A 211 11.85 8.70 -25.77
CA THR A 211 12.37 9.57 -26.85
C THR A 211 11.46 9.52 -28.07
N ILE A 212 11.31 10.66 -28.75
CA ILE A 212 10.51 10.76 -29.98
C ILE A 212 11.20 11.73 -30.93
N LYS A 213 10.86 11.70 -32.21
CA LYS A 213 11.50 12.62 -33.17
C LYS A 213 10.70 13.93 -33.29
N GLN A 214 11.41 15.03 -33.57
CA GLN A 214 10.82 16.38 -33.72
C GLN A 214 9.76 16.33 -34.82
N GLY A 215 8.49 16.42 -34.44
CA GLY A 215 7.36 16.36 -35.38
C GLY A 215 6.29 15.34 -35.00
N GLU A 216 6.71 14.21 -34.41
CA GLU A 216 5.77 13.17 -33.97
C GLU A 216 5.02 13.65 -32.72
N ASN A 217 3.90 13.00 -32.40
CA ASN A 217 3.22 13.35 -31.17
C ASN A 217 2.87 12.12 -30.30
N LEU A 218 3.33 12.23 -29.06
CA LEU A 218 3.29 11.21 -28.01
C LEU A 218 1.94 10.60 -27.58
N LYS A 219 1.91 9.26 -27.54
CA LYS A 219 0.73 8.49 -27.13
C LYS A 219 1.04 7.77 -25.83
N VAL A 220 0.38 8.19 -24.75
CA VAL A 220 0.59 7.62 -23.41
C VAL A 220 -0.57 6.74 -22.92
N PHE A 221 -0.27 5.77 -22.04
CA PHE A 221 -1.25 4.81 -21.46
C PHE A 221 -1.73 5.33 -20.11
N VAL A 222 -2.96 5.87 -20.06
CA VAL A 222 -3.50 6.43 -18.81
C VAL A 222 -4.96 6.03 -18.62
N PRO A 223 -5.20 4.81 -18.12
CA PRO A 223 -6.57 4.33 -17.90
C PRO A 223 -7.44 5.20 -17.01
N PHE A 224 -6.83 5.88 -16.04
CA PHE A 224 -7.56 6.73 -15.11
C PHE A 224 -8.41 7.79 -15.82
N ILE A 225 -7.86 8.40 -16.87
CA ILE A 225 -8.57 9.43 -17.63
C ILE A 225 -9.94 8.96 -18.11
N TYR A 226 -10.00 7.76 -18.63
CA TYR A 226 -11.23 7.21 -19.15
C TYR A 226 -12.14 6.62 -18.08
N GLN A 227 -11.56 5.90 -17.13
CA GLN A 227 -12.33 5.29 -16.03
C GLN A 227 -13.05 6.33 -15.17
N ALA A 228 -12.44 7.51 -15.03
CA ALA A 228 -13.04 8.59 -14.24
C ALA A 228 -14.48 8.88 -14.67
N LEU A 229 -14.76 8.70 -15.95
CA LEU A 229 -16.10 8.92 -16.53
C LEU A 229 -17.19 8.04 -15.94
N ASP A 230 -16.82 6.89 -15.37
CA ASP A 230 -17.77 6.00 -14.71
C ASP A 230 -18.16 6.52 -13.31
N PHE A 231 -17.64 7.69 -12.95
CA PHE A 231 -17.90 8.34 -11.68
C PHE A 231 -18.32 9.82 -11.81
N ILE A 232 -18.27 10.39 -13.02
CA ILE A 232 -18.65 11.81 -13.29
C ILE A 232 -19.17 12.03 -14.74
N ALA A 233 -19.39 13.29 -15.14
CA ALA A 233 -19.88 13.61 -16.50
C ALA A 233 -19.63 15.09 -16.90
N PRO A 234 -18.39 15.43 -17.34
CA PRO A 234 -18.10 16.83 -17.73
C PRO A 234 -18.85 17.26 -18.98
N LEU A 239 -12.34 19.01 -15.72
CA LEU A 239 -11.45 19.69 -16.66
C LEU A 239 -10.10 18.97 -16.78
N ILE A 240 -9.42 19.22 -17.91
CA ILE A 240 -8.10 18.62 -18.22
C ILE A 240 -7.13 19.65 -18.84
N ILE A 241 -5.89 19.68 -18.34
CA ILE A 241 -4.86 20.63 -18.77
C ILE A 241 -3.59 19.87 -19.18
N ILE A 242 -2.93 20.34 -20.24
CA ILE A 242 -1.68 19.76 -20.76
C ILE A 242 -0.59 20.82 -20.59
N LYS A 243 0.49 20.47 -19.91
CA LYS A 243 1.58 21.40 -19.66
C LYS A 243 2.88 20.87 -20.17
N ASP A 244 3.81 21.79 -20.42
CA ASP A 244 5.12 21.48 -20.93
C ASP A 244 6.13 22.23 -20.07
N ASN A 245 6.94 21.50 -19.31
CA ASN A 245 7.92 22.10 -18.42
C ASN A 245 7.28 23.10 -17.45
N GLY A 246 6.10 22.73 -16.94
CA GLY A 246 5.37 23.56 -15.99
C GLY A 246 4.41 24.60 -16.54
N ARG A 247 4.54 25.00 -17.81
CA ARG A 247 3.66 26.01 -18.41
C ARG A 247 2.56 25.35 -19.22
N THR A 248 1.35 25.92 -19.17
CA THR A 248 0.20 25.38 -19.91
C THR A 248 0.46 25.43 -21.42
N LEU A 249 0.12 24.35 -22.11
CA LEU A 249 0.31 24.27 -23.57
C LEU A 249 -1.06 24.41 -24.24
N TYR A 250 -2.05 23.67 -23.74
CA TYR A 250 -3.44 23.74 -24.25
C TYR A 250 -4.39 23.04 -23.28
N GLU A 251 -5.68 23.42 -23.32
CA GLU A 251 -6.72 22.83 -22.47
C GLU A 251 -7.77 22.20 -23.39
N PRO A 252 -7.58 20.92 -23.75
CA PRO A 252 -8.50 20.26 -24.67
C PRO A 252 -9.76 19.75 -23.97
N PRO A 253 -10.80 19.43 -24.75
CA PRO A 253 -12.02 18.92 -24.14
C PRO A 253 -11.71 17.52 -23.62
N TYR A 254 -12.42 17.11 -22.58
CA TYR A 254 -12.18 15.82 -21.97
C TYR A 254 -12.49 14.73 -23.03
N PRO A 255 -11.61 13.72 -23.17
CA PRO A 255 -11.87 12.66 -24.15
C PRO A 255 -13.02 11.73 -23.81
N THR A 256 -13.31 10.82 -24.74
CA THR A 256 -14.37 9.83 -24.60
C THR A 256 -13.78 8.44 -24.81
N TYR A 257 -14.30 7.46 -24.08
CA TYR A 257 -13.81 6.08 -24.19
C TYR A 257 -14.49 5.34 -25.35
N ASP A 258 -13.69 4.64 -26.18
CA ASP A 258 -14.23 3.84 -27.29
C ASP A 258 -13.46 2.53 -27.55
N GLY A 259 -12.64 2.08 -26.60
CA GLY A 259 -11.88 0.81 -26.77
C GLY A 259 -10.42 0.73 -26.38
N SER A 260 -9.79 1.86 -26.04
CA SER A 260 -8.37 1.86 -25.60
C SER A 260 -8.13 2.90 -24.51
N TYR A 261 -7.02 2.75 -23.79
CA TYR A 261 -6.67 3.72 -22.74
C TYR A 261 -5.51 4.60 -23.18
N MSE A 262 -5.25 4.68 -24.48
CA MSE A 262 -4.17 5.52 -24.98
C MSE A 262 -4.68 6.92 -25.16
O MSE A 262 -5.78 7.11 -25.67
CB MSE A 262 -3.60 5.03 -26.29
CG MSE A 262 -3.10 3.59 -26.19
SE MSE A 262 -1.66 3.28 -24.88
CE MSE A 262 -0.22 4.35 -25.70
N TYR A 263 -3.89 7.90 -24.74
CA TYR A 263 -4.25 9.32 -24.88
C TYR A 263 -3.09 9.97 -25.66
N THR A 264 -3.44 10.68 -26.72
CA THR A 264 -2.45 11.36 -27.56
C THR A 264 -2.30 12.80 -27.10
N ILE A 265 -1.06 13.27 -26.97
CA ILE A 265 -0.81 14.65 -26.57
C ILE A 265 -0.01 15.34 -27.68
N GLU A 266 -0.54 16.50 -28.09
CA GLU A 266 -0.01 17.31 -29.19
C GLU A 266 1.41 17.86 -29.00
N THR A 267 2.41 17.00 -29.18
CA THR A 267 3.82 17.42 -29.05
C THR A 267 4.50 17.67 -30.42
N ALA A 268 3.72 17.67 -31.48
CA ALA A 268 4.27 17.86 -32.83
C ALA A 268 4.89 19.24 -33.04
N GLY A 269 4.32 20.25 -32.39
CA GLY A 269 4.82 21.63 -32.50
C GLY A 269 5.99 21.97 -31.60
N LEU A 270 6.36 21.08 -30.70
CA LEU A 270 7.45 21.33 -29.78
C LEU A 270 8.82 21.16 -30.44
N GLN A 271 9.77 21.99 -30.03
CA GLN A 271 11.14 21.97 -30.57
C GLN A 271 11.99 20.90 -29.90
N PRO A 272 13.19 20.61 -30.46
CA PRO A 272 14.03 19.59 -29.83
C PRO A 272 14.53 19.97 -28.43
N GLY A 273 15.00 18.98 -27.70
CA GLY A 273 15.49 19.17 -26.34
C GLY A 273 14.65 18.40 -25.35
N GLU A 274 14.88 18.70 -24.08
CA GLU A 274 14.18 18.05 -22.97
C GLU A 274 12.83 18.70 -22.71
N HIS A 275 11.81 17.88 -22.46
CA HIS A 275 10.46 18.35 -22.19
C HIS A 275 9.78 17.43 -21.17
N LEU A 276 9.16 18.03 -20.16
CA LEU A 276 8.44 17.30 -19.15
C LEU A 276 6.97 17.62 -19.41
N LEU A 277 6.23 16.63 -19.88
CA LEU A 277 4.82 16.81 -20.20
C LEU A 277 3.97 16.38 -19.03
N GLU A 278 2.91 17.12 -18.78
CA GLU A 278 2.02 16.82 -17.68
C GLU A 278 0.55 16.93 -18.06
N ILE A 279 -0.22 15.94 -17.61
CA ILE A 279 -1.66 15.90 -17.81
C ILE A 279 -2.19 16.14 -16.40
N SER A 280 -2.85 17.27 -16.21
CA SER A 280 -3.42 17.66 -14.93
C SER A 280 -4.93 17.52 -15.00
N LEU A 281 -5.50 16.69 -14.14
CA LEU A 281 -6.94 16.42 -14.07
C LEU A 281 -7.50 17.07 -12.81
N GLY A 282 -8.78 17.45 -12.81
CA GLY A 282 -9.38 18.10 -11.64
C GLY A 282 -10.89 18.20 -11.75
N TYR A 283 -11.59 18.18 -10.61
CA TYR A 283 -13.07 18.23 -10.63
C TYR A 283 -13.66 18.95 -9.41
N TYR A 288 -12.28 12.01 -6.99
CA TYR A 288 -11.38 11.67 -8.14
C TYR A 288 -10.59 12.90 -8.58
N THR A 289 -9.27 12.75 -8.76
CA THR A 289 -8.35 13.84 -9.18
C THR A 289 -6.90 13.34 -9.24
N GLY A 290 -6.01 14.13 -9.88
CA GLY A 290 -4.58 13.80 -10.01
C GLY A 290 -3.76 14.50 -11.10
N TRP A 291 -2.53 14.02 -11.34
CA TRP A 291 -1.63 14.53 -12.40
C TRP A 291 -0.57 13.50 -12.78
N TYR A 292 -0.22 13.44 -14.06
CA TYR A 292 0.77 12.48 -14.56
C TYR A 292 1.85 13.11 -15.40
N ASP A 293 3.12 12.88 -15.05
CA ASP A 293 4.27 13.43 -15.81
C ASP A 293 4.89 12.42 -16.76
N PHE A 294 5.33 12.94 -17.91
CA PHE A 294 5.93 12.14 -18.96
C PHE A 294 7.20 12.83 -19.40
N PRO A 295 8.38 12.38 -18.91
CA PRO A 295 9.64 13.00 -19.35
C PRO A 295 9.90 12.60 -20.80
N VAL A 296 10.16 13.58 -21.65
CA VAL A 296 10.38 13.32 -23.08
C VAL A 296 11.57 14.09 -23.64
N THR A 297 12.29 13.41 -24.54
CA THR A 297 13.42 13.97 -25.23
C THR A 297 13.03 13.97 -26.70
N ILE A 298 12.99 15.15 -27.30
CA ILE A 298 12.63 15.31 -28.70
C ILE A 298 13.92 15.52 -29.49
N THR A 299 14.12 14.74 -30.56
CA THR A 299 15.31 14.85 -31.44
C THR A 299 14.95 15.75 -32.63
CA CA B . 18.54 -2.19 24.50
CA CA C . 14.45 -11.48 36.61
CA CA D . -14.56 -0.09 -17.21
CA CA E . -5.96 11.44 6.11
CA CA F . -21.54 -1.59 3.85
CA CA G . -10.12 6.87 -30.02
CA CA H . 6.98 -3.05 32.29
C1 PG5 I . 6.03 9.27 -8.76
O1 PG5 I . 5.91 7.84 -8.83
C2 PG5 I . 5.87 7.29 -10.15
C3 PG5 I . 5.92 5.76 -10.14
O2 PG5 I . 4.79 5.19 -10.82
C4 PG5 I . 4.98 4.99 -12.23
C5 PG5 I . 3.70 4.46 -12.89
O3 PG5 I . 4.01 4.02 -14.22
C6 PG5 I . 3.30 2.85 -14.69
C7 PG5 I . 4.00 2.25 -15.91
O4 PG5 I . 3.06 1.67 -16.84
C8 PG5 I . 3.42 1.79 -18.22
#